data_8SWE
#
_entry.id   8SWE
#
_cell.length_a   105.460
_cell.length_b   117.130
_cell.length_c   64.860
_cell.angle_alpha   90.000
_cell.angle_beta   90.000
_cell.angle_gamma   90.000
#
_symmetry.space_group_name_H-M   'P 21 21 2'
#
loop_
_entity.id
_entity.type
_entity.pdbx_description
1 polymer 'Fibroblast growth factor receptor 2'
2 non-polymer GLYCEROL
3 non-polymer GLUTATHIONE
4 non-polymer N-{4-[4-amino-5-(4-methoxyphenyl)-7-methyl-7H-pyrrolo[2,3-d]pyrimidin-6-yl]phenyl}prop-2-enamide
5 water water
#
_entity_poly.entity_id   1
_entity_poly.type   'polypeptide(L)'
_entity_poly.pdbx_seq_one_letter_code
;SHMGSPMLAGVSEYELPEDPKWEFPRDKLTLGKPLGEGCFGQVVMAEAVGIDKDKPKEAVTVAVKMLKDDATEKDLSDLV
SEMEMMKMIGKHKNIINLLGACTQDGPLYVIVEYASKGNLREYLRARRPPGMEYSYDINRVPEEQMTFKDLVSCTYQLAR
GMEYLASQKCIHRDLAARNVLVTENNVMKIADFGLARDINNIDYYKKTTNGRLPVKWMAPEALFDRVYTHQSDVWSFGVL
MWEIFTLGGSPYPGIPVEELFKLLKEGHRMDKPANCTNELYMMMRDCWHAVPSQRPTFKQLVEDLDRILTLTTNEE
;
_entity_poly.pdbx_strand_id   A,B
#
# COMPACT_ATOMS: atom_id res chain seq x y z
N LEU A 16 -24.16 -0.81 -5.32
CA LEU A 16 -24.08 -1.70 -4.15
C LEU A 16 -25.48 -2.15 -3.72
N PRO A 17 -25.73 -3.47 -3.73
CA PRO A 17 -27.06 -3.95 -3.33
C PRO A 17 -27.35 -3.63 -1.87
N GLU A 18 -28.61 -3.31 -1.59
CA GLU A 18 -29.02 -3.01 -0.23
C GLU A 18 -28.99 -4.27 0.62
N ASP A 19 -28.45 -4.13 1.83
CA ASP A 19 -28.42 -5.20 2.83
C ASP A 19 -28.93 -4.59 4.13
N PRO A 20 -30.25 -4.57 4.35
CA PRO A 20 -30.77 -3.89 5.55
C PRO A 20 -30.32 -4.51 6.85
N LYS A 21 -30.03 -5.81 6.86
CA LYS A 21 -29.59 -6.46 8.09
C LYS A 21 -28.34 -5.79 8.66
N TRP A 22 -27.46 -5.29 7.79
CA TRP A 22 -26.18 -4.73 8.22
C TRP A 22 -26.10 -3.22 8.06
N GLU A 23 -27.12 -2.58 7.47
CA GLU A 23 -27.03 -1.16 7.17
C GLU A 23 -27.21 -0.32 8.42
N PHE A 24 -26.42 0.75 8.52
CA PHE A 24 -26.42 1.64 9.67
C PHE A 24 -26.60 3.08 9.21
N PRO A 25 -27.40 3.88 9.91
CA PRO A 25 -27.65 5.26 9.46
C PRO A 25 -26.40 6.13 9.59
N ARG A 26 -26.19 6.98 8.60
CA ARG A 26 -25.01 7.84 8.59
C ARG A 26 -25.12 8.97 9.62
N ASP A 27 -26.35 9.43 9.89
CA ASP A 27 -26.51 10.55 10.82
C ASP A 27 -26.22 10.15 12.26
N LYS A 28 -26.24 8.85 12.58
CA LYS A 28 -25.97 8.37 13.93
C LYS A 28 -24.52 7.93 14.11
N LEU A 29 -23.66 8.25 13.16
CA LEU A 29 -22.24 7.88 13.20
C LEU A 29 -21.41 9.14 13.18
N THR A 30 -20.45 9.24 14.10
CA THR A 30 -19.59 10.40 14.22
C THR A 30 -18.14 9.94 14.18
N LEU A 31 -17.41 10.34 13.14
CA LEU A 31 -16.02 9.93 12.98
C LEU A 31 -15.11 10.72 13.91
N GLY A 32 -14.03 10.08 14.36
CA GLY A 32 -13.11 10.64 15.31
C GLY A 32 -11.68 10.48 14.88
N LYS A 33 -10.79 10.31 15.86
CA LYS A 33 -9.37 10.30 15.60
C LYS A 33 -8.99 9.09 14.75
N PRO A 34 -8.00 9.23 13.87
CA PRO A 34 -7.56 8.09 13.06
C PRO A 34 -6.80 7.08 13.89
N LEU A 35 -7.03 5.79 13.60
CA LEU A 35 -6.40 4.70 14.32
C LEU A 35 -5.19 4.14 13.58
N GLY A 36 -5.33 3.91 12.29
CA GLY A 36 -4.24 3.44 11.46
C GLY A 36 -4.47 3.85 10.03
N GLU A 37 -3.38 4.00 9.28
CA GLU A 37 -3.43 4.44 7.89
C GLU A 37 -2.49 3.53 7.11
N GLY A 38 -3.07 2.59 6.36
CA GLY A 38 -2.28 1.66 5.58
C GLY A 38 -2.27 2.00 4.10
N CYS A 39 -2.65 1.04 3.27
CA CYS A 39 -2.64 1.17 1.83
C CYS A 39 -3.93 0.84 1.11
N PHE A 40 -4.81 0.06 1.74
CA PHE A 40 -6.09 -0.28 1.11
C PHE A 40 -7.06 0.81 1.55
N GLY A 41 -6.87 1.36 2.74
CA GLY A 41 -7.74 2.38 3.24
C GLY A 41 -7.22 3.00 4.51
N GLN A 42 -8.12 3.64 5.26
CA GLN A 42 -7.80 4.23 6.54
C GLN A 42 -8.83 3.80 7.56
N VAL A 43 -8.46 3.86 8.83
CA VAL A 43 -9.31 3.47 9.94
C VAL A 43 -9.36 4.62 10.93
N VAL A 44 -10.58 4.95 11.38
CA VAL A 44 -10.79 6.03 12.33
C VAL A 44 -11.66 5.50 13.47
N MET A 45 -11.41 5.99 14.68
CA MET A 45 -12.31 5.77 15.79
C MET A 45 -13.58 6.58 15.58
N ALA A 46 -14.71 6.03 16.03
CA ALA A 46 -15.98 6.68 15.81
C ALA A 46 -16.96 6.32 16.93
N GLU A 47 -18.02 7.11 17.02
CA GLU A 47 -19.10 6.91 17.99
C GLU A 47 -20.36 6.57 17.21
N ALA A 48 -20.92 5.39 17.47
CA ALA A 48 -22.13 4.93 16.79
C ALA A 48 -23.27 4.87 17.81
N VAL A 49 -24.33 5.63 17.55
CA VAL A 49 -25.48 5.68 18.44
C VAL A 49 -26.48 4.61 17.99
N GLY A 50 -26.82 3.71 18.92
CA GLY A 50 -27.80 2.68 18.60
C GLY A 50 -27.26 1.52 17.81
N ILE A 51 -25.94 1.37 17.70
CA ILE A 51 -25.37 0.24 16.98
C ILE A 51 -25.75 -1.06 17.67
N ASP A 52 -25.85 -1.06 18.99
CA ASP A 52 -26.43 -2.17 19.74
C ASP A 52 -27.95 -1.96 19.79
N LYS A 53 -28.69 -2.80 19.09
CA LYS A 53 -30.12 -2.53 18.87
C LYS A 53 -30.92 -2.58 20.17
N ASP A 54 -30.41 -3.25 21.21
CA ASP A 54 -31.09 -3.27 22.49
C ASP A 54 -30.85 -2.01 23.31
N LYS A 55 -29.94 -1.14 22.87
CA LYS A 55 -29.63 0.13 23.55
C LYS A 55 -29.60 1.23 22.51
N PRO A 56 -30.77 1.55 21.93
CA PRO A 56 -30.79 2.45 20.76
C PRO A 56 -30.37 3.89 21.04
N LYS A 57 -30.19 4.28 22.31
CA LYS A 57 -29.81 5.64 22.64
C LYS A 57 -28.39 5.75 23.19
N GLU A 58 -27.66 4.64 23.29
CA GLU A 58 -26.30 4.62 23.81
C GLU A 58 -25.31 4.67 22.65
N ALA A 59 -24.30 5.52 22.79
CA ALA A 59 -23.26 5.68 21.78
C ALA A 59 -22.10 4.74 22.10
N VAL A 60 -21.76 3.88 21.15
CA VAL A 60 -20.70 2.89 21.31
C VAL A 60 -19.47 3.34 20.52
N THR A 61 -18.31 3.22 21.14
CA THR A 61 -17.05 3.46 20.44
C THR A 61 -16.77 2.30 19.50
N VAL A 62 -16.47 2.61 18.24
CA VAL A 62 -16.24 1.62 17.21
C VAL A 62 -15.07 2.07 16.33
N ALA A 63 -14.64 1.18 15.45
CA ALA A 63 -13.65 1.48 14.43
C ALA A 63 -14.32 1.44 13.07
N VAL A 64 -13.96 2.39 12.20
CA VAL A 64 -14.56 2.52 10.88
C VAL A 64 -13.45 2.50 9.84
N LYS A 65 -13.54 1.56 8.90
CA LYS A 65 -12.61 1.44 7.79
C LYS A 65 -13.25 2.03 6.55
N MET A 66 -12.53 2.92 5.88
CA MET A 66 -13.02 3.59 4.68
C MET A 66 -11.87 3.72 3.70
N LEU A 67 -12.17 4.29 2.53
CA LEU A 67 -11.14 4.51 1.52
C LEU A 67 -10.37 5.80 1.80
N LYS A 68 -9.15 5.85 1.28
CA LYS A 68 -8.33 7.04 1.35
C LYS A 68 -8.64 7.96 0.16
N ASP A 69 -8.14 9.19 0.24
CA ASP A 69 -8.40 10.15 -0.82
C ASP A 69 -7.76 9.74 -2.13
N ASP A 70 -6.67 8.97 -2.08
CA ASP A 70 -5.98 8.48 -3.27
C ASP A 70 -6.34 7.02 -3.58
N ALA A 71 -7.53 6.59 -3.18
CA ALA A 71 -7.94 5.21 -3.37
C ALA A 71 -8.06 4.86 -4.85
N THR A 72 -7.86 3.59 -5.16
CA THR A 72 -8.00 3.05 -6.50
C THR A 72 -9.25 2.18 -6.59
N GLU A 73 -9.58 1.77 -7.82
CA GLU A 73 -10.71 0.89 -8.01
C GLU A 73 -10.54 -0.42 -7.26
N LYS A 74 -9.34 -1.01 -7.33
CA LYS A 74 -9.07 -2.25 -6.60
C LYS A 74 -9.24 -2.06 -5.10
N ASP A 75 -8.92 -0.86 -4.58
CA ASP A 75 -9.09 -0.63 -3.14
C ASP A 75 -10.56 -0.74 -2.74
N LEU A 76 -11.46 -0.22 -3.58
CA LEU A 76 -12.88 -0.32 -3.26
C LEU A 76 -13.37 -1.76 -3.37
N SER A 77 -12.90 -2.50 -4.37
CA SER A 77 -13.30 -3.90 -4.49
C SER A 77 -12.75 -4.73 -3.32
N ASP A 78 -11.54 -4.42 -2.88
CA ASP A 78 -10.99 -5.10 -1.71
C ASP A 78 -11.82 -4.80 -0.46
N LEU A 79 -12.23 -3.55 -0.29
CA LEU A 79 -13.02 -3.19 0.88
C LEU A 79 -14.38 -3.88 0.85
N VAL A 80 -15.04 -3.92 -0.32
CA VAL A 80 -16.31 -4.62 -0.43
C VAL A 80 -16.13 -6.10 -0.15
N SER A 81 -15.08 -6.70 -0.73
CA SER A 81 -14.82 -8.11 -0.47
C SER A 81 -14.59 -8.38 1.01
N GLU A 82 -13.86 -7.49 1.68
CA GLU A 82 -13.63 -7.67 3.11
C GLU A 82 -14.95 -7.62 3.87
N MET A 83 -15.82 -6.67 3.52
CA MET A 83 -17.12 -6.57 4.18
C MET A 83 -17.91 -7.85 4.00
N GLU A 84 -18.03 -8.33 2.76
CA GLU A 84 -18.82 -9.53 2.50
C GLU A 84 -18.25 -10.72 3.25
N MET A 85 -16.92 -10.85 3.28
CA MET A 85 -16.31 -11.98 3.97
C MET A 85 -16.65 -11.95 5.46
N MET A 86 -16.64 -10.76 6.06
CA MET A 86 -16.99 -10.66 7.47
C MET A 86 -18.48 -10.90 7.72
N LYS A 87 -19.33 -10.63 6.72
CA LYS A 87 -20.73 -11.01 6.81
C LYS A 87 -20.89 -12.53 6.80
N MET A 88 -20.17 -13.22 5.91
CA MET A 88 -20.33 -14.65 5.75
C MET A 88 -19.67 -15.44 6.87
N ILE A 89 -18.62 -14.89 7.49
CA ILE A 89 -17.83 -15.65 8.45
C ILE A 89 -18.67 -16.03 9.67
N GLY A 90 -19.39 -15.05 10.21
CA GLY A 90 -20.13 -15.25 11.44
C GLY A 90 -19.42 -14.67 12.63
N LYS A 91 -20.02 -14.87 13.81
CA LYS A 91 -19.52 -14.28 15.04
C LYS A 91 -18.67 -15.31 15.79
N HIS A 92 -17.58 -14.84 16.37
CA HIS A 92 -16.76 -15.67 17.23
C HIS A 92 -15.99 -14.76 18.19
N LYS A 93 -15.67 -15.30 19.37
CA LYS A 93 -15.05 -14.50 20.41
C LYS A 93 -13.70 -13.95 19.99
N ASN A 94 -12.95 -14.69 19.17
CA ASN A 94 -11.59 -14.33 18.80
C ASN A 94 -11.49 -13.77 17.38
N ILE A 95 -12.59 -13.28 16.83
CA ILE A 95 -12.62 -12.64 15.53
C ILE A 95 -13.21 -11.24 15.72
N ILE A 96 -12.55 -10.23 15.14
CA ILE A 96 -13.05 -8.87 15.25
C ILE A 96 -14.49 -8.82 14.72
N ASN A 97 -15.39 -8.25 15.52
CA ASN A 97 -16.81 -8.35 15.27
C ASN A 97 -17.26 -7.24 14.32
N LEU A 98 -17.86 -7.64 13.20
CA LEU A 98 -18.51 -6.68 12.30
C LEU A 98 -19.78 -6.15 12.95
N LEU A 99 -19.94 -4.83 12.98
CA LEU A 99 -21.07 -4.19 13.61
C LEU A 99 -22.07 -3.61 12.62
N GLY A 100 -21.62 -3.21 11.43
CA GLY A 100 -22.52 -2.61 10.47
C GLY A 100 -21.73 -1.99 9.34
N ALA A 101 -22.48 -1.40 8.41
CA ALA A 101 -21.90 -0.80 7.22
C ALA A 101 -22.79 0.30 6.69
N CYS A 102 -22.18 1.41 6.31
CA CYS A 102 -22.85 2.47 5.56
C CYS A 102 -22.46 2.29 4.09
N THR A 103 -23.41 1.83 3.27
CA THR A 103 -23.13 1.49 1.89
C THR A 103 -23.98 2.24 0.87
N GLN A 104 -25.02 2.95 1.31
CA GLN A 104 -25.95 3.61 0.41
C GLN A 104 -25.77 5.11 0.47
N ASP A 105 -25.76 5.74 -0.71
CA ASP A 105 -25.77 7.20 -0.83
C ASP A 105 -24.66 7.83 0.01
N GLY A 106 -23.41 7.47 -0.32
CA GLY A 106 -22.27 8.07 0.33
C GLY A 106 -21.05 7.16 0.31
N PRO A 107 -19.97 7.61 0.94
CA PRO A 107 -18.77 6.77 1.00
C PRO A 107 -19.05 5.47 1.75
N LEU A 108 -18.28 4.44 1.40
CA LEU A 108 -18.45 3.12 2.01
C LEU A 108 -17.72 3.11 3.36
N TYR A 109 -18.48 2.86 4.43
CA TYR A 109 -17.93 2.70 5.77
C TYR A 109 -18.19 1.27 6.24
N VAL A 110 -17.15 0.62 6.77
CA VAL A 110 -17.29 -0.70 7.38
C VAL A 110 -17.02 -0.52 8.88
N ILE A 111 -18.07 -0.69 9.69
CA ILE A 111 -18.02 -0.41 11.13
C ILE A 111 -17.72 -1.71 11.84
N VAL A 112 -16.74 -1.68 12.73
CA VAL A 112 -16.19 -2.88 13.35
C VAL A 112 -15.92 -2.59 14.82
N GLU A 113 -15.95 -3.65 15.62
CA GLU A 113 -15.65 -3.57 17.04
C GLU A 113 -14.29 -2.91 17.26
N TYR A 114 -14.22 -2.09 18.31
CA TYR A 114 -13.01 -1.33 18.63
C TYR A 114 -12.18 -2.10 19.65
N ALA A 115 -10.91 -2.34 19.31
CA ALA A 115 -9.96 -3.02 20.19
C ALA A 115 -8.97 -1.97 20.69
N SER A 116 -9.05 -1.64 21.98
CA SER A 116 -8.38 -0.46 22.50
C SER A 116 -6.88 -0.61 22.64
N LYS A 117 -6.33 -1.83 22.58
CA LYS A 117 -4.92 -2.04 22.83
C LYS A 117 -4.11 -2.23 21.55
N GLY A 118 -4.71 -2.03 20.38
CA GLY A 118 -3.96 -2.02 19.14
C GLY A 118 -3.62 -3.41 18.65
N ASN A 119 -2.70 -3.46 17.68
CA ASN A 119 -2.34 -4.73 17.08
C ASN A 119 -1.35 -5.49 17.97
N LEU A 120 -1.31 -6.80 17.78
CA LEU A 120 -0.59 -7.67 18.70
C LEU A 120 0.90 -7.42 18.68
N ARG A 121 1.47 -7.10 17.51
CA ARG A 121 2.91 -6.91 17.44
C ARG A 121 3.36 -5.74 18.32
N GLU A 122 2.67 -4.61 18.20
CA GLU A 122 3.01 -3.45 19.03
C GLU A 122 2.72 -3.73 20.50
N TYR A 123 1.59 -4.37 20.78
CA TYR A 123 1.25 -4.78 22.15
C TYR A 123 2.38 -5.60 22.76
N LEU A 124 2.88 -6.59 22.03
CA LEU A 124 3.95 -7.44 22.56
C LEU A 124 5.25 -6.66 22.67
N ARG A 125 5.63 -5.92 21.61
CA ARG A 125 6.87 -5.17 21.65
C ARG A 125 6.88 -4.13 22.79
N ALA A 126 5.72 -3.58 23.12
CA ALA A 126 5.66 -2.60 24.21
C ALA A 126 5.82 -3.26 25.58
N ARG A 127 5.34 -4.49 25.74
CA ARG A 127 5.44 -5.21 27.00
C ARG A 127 6.72 -6.03 27.09
N ARG A 128 7.76 -5.66 26.33
CA ARG A 128 9.06 -6.33 26.43
C ARG A 128 9.82 -5.76 27.65
N PRO A 129 10.53 -6.63 28.37
CA PRO A 129 11.55 -6.13 29.30
C PRO A 129 12.43 -5.08 28.63
N GLU A 144 3.30 -3.48 31.76
CA GLU A 144 2.68 -4.73 32.21
C GLU A 144 3.30 -5.91 31.46
N GLN A 145 4.51 -6.30 31.88
CA GLN A 145 5.28 -7.35 31.24
C GLN A 145 4.58 -8.69 31.03
N MET A 146 4.84 -9.33 29.90
CA MET A 146 4.19 -10.59 29.55
C MET A 146 4.87 -11.83 30.10
N THR A 147 4.07 -12.76 30.60
CA THR A 147 4.54 -14.04 31.12
C THR A 147 4.36 -15.15 30.08
N PHE A 148 4.97 -16.29 30.36
CA PHE A 148 4.84 -17.44 29.47
C PHE A 148 3.38 -17.88 29.34
N LYS A 149 2.64 -17.91 30.44
CA LYS A 149 1.23 -18.25 30.38
C LYS A 149 0.47 -17.28 29.46
N ASP A 150 0.75 -15.99 29.56
CA ASP A 150 0.07 -15.03 28.69
C ASP A 150 0.32 -15.36 27.23
N LEU A 151 1.54 -15.74 26.88
CA LEU A 151 1.85 -16.04 25.49
C LEU A 151 1.16 -17.33 25.03
N VAL A 152 1.07 -18.32 25.92
CA VAL A 152 0.35 -19.53 25.58
C VAL A 152 -1.14 -19.25 25.44
N SER A 153 -1.69 -18.42 26.33
CA SER A 153 -3.10 -18.05 26.24
C SER A 153 -3.38 -17.28 24.96
N CYS A 154 -2.46 -16.39 24.56
CA CYS A 154 -2.61 -15.67 23.30
CA CYS A 154 -2.61 -15.66 23.29
C CYS A 154 -2.65 -16.64 22.13
N THR A 155 -1.72 -17.60 22.11
CA THR A 155 -1.66 -18.56 21.02
C THR A 155 -2.92 -19.41 20.96
N TYR A 156 -3.40 -19.86 22.13
CA TYR A 156 -4.59 -20.70 22.16
C TYR A 156 -5.80 -19.96 21.62
N GLN A 157 -5.98 -18.70 22.01
CA GLN A 157 -7.10 -17.92 21.51
C GLN A 157 -7.09 -17.84 19.98
N LEU A 158 -5.92 -17.54 19.41
CA LEU A 158 -5.83 -17.40 17.97
C LEU A 158 -6.00 -18.74 17.27
N ALA A 159 -5.57 -19.83 17.90
CA ALA A 159 -5.77 -21.18 17.35
C ALA A 159 -7.27 -21.49 17.30
N ARG A 160 -7.92 -21.11 18.25
CA ARG A 160 -9.37 -21.28 18.30
C ARG A 160 -10.05 -20.44 17.21
N GLY A 161 -9.65 -19.25 17.05
CA GLY A 161 -10.19 -18.33 16.04
C GLY A 161 -9.98 -18.90 14.65
N MET A 162 -8.80 -19.45 14.36
CA MET A 162 -8.55 -20.05 13.06
C MET A 162 -9.34 -21.35 12.89
N GLU A 163 -9.48 -22.13 13.97
CA GLU A 163 -10.30 -23.34 13.90
C GLU A 163 -11.72 -23.01 13.49
N TYR A 164 -12.28 -21.92 14.03
CA TYR A 164 -13.61 -21.50 13.63
C TYR A 164 -13.62 -21.05 12.17
N LEU A 165 -12.65 -20.23 11.78
CA LEU A 165 -12.58 -19.78 10.39
C LEU A 165 -12.53 -20.96 9.43
N ALA A 166 -11.66 -21.94 9.72
CA ALA A 166 -11.55 -23.10 8.85
C ALA A 166 -12.85 -23.89 8.82
N SER A 167 -13.56 -23.95 9.96
CA SER A 167 -14.86 -24.61 9.99
C SER A 167 -15.88 -23.90 9.12
N GLN A 168 -15.70 -22.60 8.86
CA GLN A 168 -16.56 -21.86 7.95
C GLN A 168 -16.04 -21.85 6.51
N LYS A 169 -15.06 -22.70 6.19
CA LYS A 169 -14.53 -22.83 4.83
C LYS A 169 -13.89 -21.52 4.37
N CYS A 170 -13.26 -20.81 5.30
CA CYS A 170 -12.60 -19.56 5.01
C CYS A 170 -11.09 -19.69 5.21
N ILE A 171 -10.31 -19.20 4.25
CA ILE A 171 -8.86 -19.11 4.35
C ILE A 171 -8.50 -17.64 4.50
N HIS A 172 -7.68 -17.34 5.51
CA HIS A 172 -7.34 -15.96 5.82
C HIS A 172 -6.28 -15.41 4.87
N ARG A 173 -5.21 -16.17 4.66
CA ARG A 173 -4.11 -15.87 3.74
C ARG A 173 -3.19 -14.74 4.19
N ASP A 174 -3.53 -14.06 5.29
CA ASP A 174 -2.73 -12.93 5.76
C ASP A 174 -2.55 -12.98 7.27
N LEU A 175 -2.28 -14.17 7.79
CA LEU A 175 -2.13 -14.35 9.23
C LEU A 175 -0.79 -13.82 9.68
N ALA A 176 -0.80 -12.90 10.63
CA ALA A 176 0.42 -12.26 11.12
C ALA A 176 0.08 -11.43 12.35
N ALA A 177 1.10 -11.18 13.16
CA ALA A 177 0.89 -10.46 14.42
C ALA A 177 0.33 -9.06 14.18
N ARG A 178 0.74 -8.40 13.10
CA ARG A 178 0.21 -7.08 12.78
C ARG A 178 -1.26 -7.12 12.42
N ASN A 179 -1.81 -8.29 12.06
CA ASN A 179 -3.22 -8.40 11.72
C ASN A 179 -4.06 -8.98 12.86
N VAL A 180 -3.52 -8.97 14.09
CA VAL A 180 -4.27 -9.37 15.27
C VAL A 180 -4.46 -8.14 16.14
N LEU A 181 -5.67 -7.97 16.67
CA LEU A 181 -6.00 -6.87 17.55
C LEU A 181 -6.21 -7.38 18.97
N VAL A 182 -5.97 -6.49 19.93
CA VAL A 182 -6.09 -6.82 21.36
C VAL A 182 -7.10 -5.85 21.97
N THR A 183 -8.14 -6.41 22.59
CA THR A 183 -9.17 -5.61 23.22
C THR A 183 -8.73 -5.18 24.62
N GLU A 184 -9.55 -4.32 25.25
CA GLU A 184 -9.28 -3.85 26.60
C GLU A 184 -9.09 -5.01 27.58
N ASN A 185 -9.85 -6.09 27.42
CA ASN A 185 -9.76 -7.27 28.27
C ASN A 185 -8.70 -8.27 27.79
N ASN A 186 -7.76 -7.82 26.96
CA ASN A 186 -6.67 -8.66 26.47
C ASN A 186 -7.19 -9.87 25.69
N VAL A 187 -8.30 -9.70 24.99
CA VAL A 187 -8.82 -10.73 24.09
C VAL A 187 -8.20 -10.54 22.72
N MET A 188 -7.78 -11.63 22.10
CA MET A 188 -7.16 -11.60 20.78
C MET A 188 -8.21 -11.75 19.70
N LYS A 189 -8.15 -10.87 18.70
CA LYS A 189 -9.12 -10.87 17.61
C LYS A 189 -8.37 -10.90 16.28
N ILE A 190 -8.72 -11.85 15.42
CA ILE A 190 -8.20 -11.87 14.06
C ILE A 190 -8.92 -10.71 13.37
N ALA A 191 -8.23 -10.05 12.45
CA ALA A 191 -8.79 -8.90 11.75
C ALA A 191 -8.16 -8.88 10.35
N ASP A 192 -8.41 -7.80 9.61
CA ASP A 192 -7.87 -7.61 8.26
C ASP A 192 -8.15 -8.73 7.27
N PHE A 193 -9.44 -8.93 7.01
CA PHE A 193 -9.91 -9.95 6.08
C PHE A 193 -9.92 -9.53 4.61
N GLY A 194 -9.09 -8.55 4.23
CA GLY A 194 -9.09 -8.07 2.86
C GLY A 194 -8.63 -9.10 1.85
N LEU A 195 -7.76 -10.02 2.26
CA LEU A 195 -7.28 -11.07 1.39
C LEU A 195 -7.99 -12.41 1.60
N ALA A 196 -8.89 -12.49 2.57
CA ALA A 196 -9.55 -13.76 2.87
C ALA A 196 -10.49 -14.18 1.76
N ARG A 197 -10.56 -15.50 1.54
CA ARG A 197 -11.35 -16.07 0.47
C ARG A 197 -12.07 -17.31 0.99
N ASP A 198 -13.16 -17.66 0.32
CA ASP A 198 -13.74 -18.97 0.50
C ASP A 198 -12.81 -20.03 -0.08
N ILE A 199 -12.78 -21.20 0.57
CA ILE A 199 -11.81 -22.24 0.22
C ILE A 199 -11.88 -22.59 -1.27
N ASN A 200 -13.04 -22.48 -1.88
CA ASN A 200 -13.20 -22.80 -3.30
C ASN A 200 -13.01 -21.60 -4.22
N ASN A 201 -12.83 -20.40 -3.68
CA ASN A 201 -12.70 -19.19 -4.49
C ASN A 201 -11.22 -18.83 -4.68
N ILE A 202 -10.48 -19.78 -5.26
CA ILE A 202 -9.07 -19.62 -5.56
C ILE A 202 -8.85 -20.10 -6.99
N ASP A 203 -8.10 -19.31 -7.77
CA ASP A 203 -7.78 -19.67 -9.16
C ASP A 203 -6.51 -20.51 -9.13
N TYR A 204 -6.70 -21.83 -8.97
CA TYR A 204 -5.56 -22.71 -8.76
C TYR A 204 -4.64 -22.73 -9.97
N TYR A 205 -3.34 -22.75 -9.70
CA TYR A 205 -2.28 -22.87 -10.70
C TYR A 205 -2.18 -21.68 -11.64
N LYS A 206 -2.87 -20.58 -11.32
CA LYS A 206 -2.76 -19.36 -12.10
C LYS A 206 -1.55 -18.56 -11.62
N LYS A 207 -0.76 -18.05 -12.57
CA LYS A 207 0.49 -17.39 -12.23
C LYS A 207 0.29 -16.22 -11.27
N THR A 208 -0.85 -15.54 -11.34
CA THR A 208 -1.11 -14.39 -10.51
C THR A 208 -1.62 -14.73 -9.11
N THR A 209 -1.96 -15.99 -8.84
CA THR A 209 -2.56 -16.35 -7.57
C THR A 209 -1.56 -16.23 -6.44
N ASN A 210 -2.03 -15.67 -5.31
CA ASN A 210 -1.26 -15.49 -4.08
C ASN A 210 -0.16 -14.43 -4.23
N GLY A 211 -0.24 -13.58 -5.25
CA GLY A 211 0.80 -12.60 -5.50
C GLY A 211 0.84 -11.42 -4.54
N ARG A 212 -0.21 -11.24 -3.74
CA ARG A 212 -0.28 -10.14 -2.79
C ARG A 212 -0.18 -10.61 -1.34
N LEU A 213 0.41 -11.78 -1.11
CA LEU A 213 0.63 -12.25 0.25
C LEU A 213 2.06 -11.97 0.70
N PRO A 214 2.25 -11.45 1.92
CA PRO A 214 3.62 -11.25 2.43
C PRO A 214 4.44 -12.53 2.40
N VAL A 215 5.64 -12.45 1.84
CA VAL A 215 6.40 -13.65 1.54
C VAL A 215 6.88 -14.34 2.81
N LYS A 216 7.19 -13.59 3.87
CA LYS A 216 7.78 -14.20 5.07
C LYS A 216 6.75 -14.92 5.92
N TRP A 217 5.47 -14.79 5.62
CA TRP A 217 4.43 -15.52 6.33
C TRP A 217 3.75 -16.57 5.47
N MET A 218 4.25 -16.80 4.25
CA MET A 218 3.54 -17.56 3.23
C MET A 218 4.05 -19.00 3.18
N ALA A 219 3.13 -19.94 3.02
CA ALA A 219 3.51 -21.33 2.82
C ALA A 219 4.17 -21.49 1.46
N PRO A 220 5.15 -22.38 1.34
CA PRO A 220 5.85 -22.50 0.05
C PRO A 220 4.94 -22.88 -1.11
N GLU A 221 4.00 -23.81 -0.89
CA GLU A 221 3.14 -24.25 -2.00
C GLU A 221 2.27 -23.11 -2.52
N ALA A 222 2.00 -22.08 -1.72
CA ALA A 222 1.22 -20.96 -2.20
C ALA A 222 1.91 -20.23 -3.35
N LEU A 223 3.24 -20.33 -3.45
CA LEU A 223 4.00 -19.74 -4.54
C LEU A 223 4.55 -20.75 -5.52
N PHE A 224 4.99 -21.92 -5.05
CA PHE A 224 5.51 -22.93 -5.97
C PHE A 224 4.40 -23.58 -6.78
N ASP A 225 3.22 -23.79 -6.19
CA ASP A 225 2.11 -24.45 -6.84
C ASP A 225 0.90 -23.55 -7.05
N ARG A 226 0.90 -22.34 -6.48
CA ARG A 226 -0.20 -21.39 -6.67
C ARG A 226 -1.54 -21.99 -6.21
N VAL A 227 -1.52 -22.61 -5.03
CA VAL A 227 -2.72 -23.11 -4.38
C VAL A 227 -2.74 -22.55 -2.96
N TYR A 228 -3.92 -22.58 -2.35
CA TYR A 228 -4.02 -22.20 -0.95
C TYR A 228 -5.10 -23.03 -0.28
N THR A 229 -4.72 -23.73 0.79
CA THR A 229 -5.63 -24.53 1.61
C THR A 229 -5.50 -24.08 3.06
N HIS A 230 -6.26 -24.75 3.93
CA HIS A 230 -6.16 -24.45 5.35
C HIS A 230 -4.77 -24.77 5.90
N GLN A 231 -4.07 -25.74 5.27
CA GLN A 231 -2.73 -26.06 5.71
C GLN A 231 -1.74 -24.95 5.40
N SER A 232 -2.03 -24.11 4.41
CA SER A 232 -1.22 -22.92 4.18
C SER A 232 -1.41 -21.93 5.31
N ASP A 233 -2.65 -21.80 5.80
CA ASP A 233 -2.91 -20.94 6.96
C ASP A 233 -2.18 -21.48 8.20
N VAL A 234 -2.08 -22.80 8.32
CA VAL A 234 -1.37 -23.38 9.46
C VAL A 234 0.09 -22.96 9.44
N TRP A 235 0.73 -22.99 8.28
CA TRP A 235 2.08 -22.47 8.15
C TRP A 235 2.17 -21.04 8.69
N SER A 236 1.30 -20.16 8.18
CA SER A 236 1.30 -18.78 8.64
C SER A 236 1.12 -18.71 10.14
N PHE A 237 0.26 -19.57 10.70
CA PHE A 237 0.03 -19.57 12.14
C PHE A 237 1.32 -19.92 12.88
N GLY A 238 2.10 -20.84 12.33
CA GLY A 238 3.38 -21.16 12.94
C GLY A 238 4.30 -19.94 12.96
N VAL A 239 4.36 -19.21 11.86
CA VAL A 239 5.10 -17.95 11.85
C VAL A 239 4.55 -17.00 12.90
N LEU A 240 3.22 -16.90 13.00
CA LEU A 240 2.61 -16.08 14.04
C LEU A 240 3.05 -16.53 15.43
N MET A 241 3.09 -17.84 15.68
CA MET A 241 3.56 -18.33 16.98
C MET A 241 4.97 -17.82 17.25
N TRP A 242 5.86 -17.92 16.26
CA TRP A 242 7.22 -17.42 16.43
C TRP A 242 7.23 -15.94 16.77
N GLU A 243 6.42 -15.15 16.08
CA GLU A 243 6.28 -13.74 16.43
C GLU A 243 5.88 -13.58 17.89
N ILE A 244 4.93 -14.39 18.35
CA ILE A 244 4.40 -14.22 19.71
C ILE A 244 5.47 -14.51 20.75
N PHE A 245 6.24 -15.59 20.55
CA PHE A 245 7.21 -16.00 21.56
C PHE A 245 8.54 -15.27 21.42
N THR A 246 8.73 -14.52 20.34
CA THR A 246 9.81 -13.54 20.26
C THR A 246 9.35 -12.17 20.74
N LEU A 247 8.10 -12.06 21.20
CA LEU A 247 7.56 -10.80 21.71
C LEU A 247 7.54 -9.74 20.61
N GLY A 248 7.22 -10.17 19.39
CA GLY A 248 7.12 -9.28 18.27
C GLY A 248 8.31 -9.25 17.34
N GLY A 249 9.14 -10.29 17.35
CA GLY A 249 10.29 -10.30 16.48
C GLY A 249 9.90 -10.35 15.02
N SER A 250 10.83 -9.95 14.17
CA SER A 250 10.63 -9.99 12.73
C SER A 250 11.11 -11.32 12.17
N PRO A 251 10.26 -12.04 11.44
CA PRO A 251 10.66 -13.40 11.00
C PRO A 251 11.86 -13.37 10.07
N TYR A 252 12.63 -14.46 10.12
CA TYR A 252 13.82 -14.62 9.29
C TYR A 252 14.72 -13.38 9.38
N PRO A 253 15.19 -13.03 10.57
CA PRO A 253 16.02 -11.82 10.70
C PRO A 253 17.29 -11.92 9.88
N GLY A 254 17.59 -10.85 9.14
CA GLY A 254 18.77 -10.77 8.32
C GLY A 254 18.63 -11.37 6.93
N ILE A 255 17.55 -12.07 6.65
CA ILE A 255 17.37 -12.76 5.38
C ILE A 255 16.43 -11.92 4.52
N PRO A 256 16.89 -11.37 3.40
CA PRO A 256 16.00 -10.60 2.54
C PRO A 256 14.93 -11.50 1.92
N VAL A 257 13.77 -10.90 1.63
CA VAL A 257 12.69 -11.63 1.01
C VAL A 257 13.16 -12.34 -0.26
N GLU A 258 14.02 -11.68 -1.03
CA GLU A 258 14.42 -12.21 -2.33
C GLU A 258 15.16 -13.53 -2.21
N GLU A 259 15.74 -13.83 -1.06
CA GLU A 259 16.48 -15.08 -0.88
C GLU A 259 15.73 -16.10 -0.06
N LEU A 260 14.58 -15.75 0.52
CA LEU A 260 13.95 -16.61 1.50
C LEU A 260 13.53 -17.94 0.87
N PHE A 261 12.81 -17.90 -0.24
CA PHE A 261 12.18 -19.12 -0.73
C PHE A 261 13.18 -20.15 -1.20
N LYS A 262 14.35 -19.73 -1.67
CA LYS A 262 15.41 -20.69 -1.96
C LYS A 262 15.82 -21.43 -0.69
N LEU A 263 16.00 -20.70 0.41
CA LEU A 263 16.40 -21.32 1.65
C LEU A 263 15.31 -22.26 2.17
N LEU A 264 14.04 -21.88 2.01
CA LEU A 264 12.95 -22.73 2.48
C LEU A 264 12.92 -24.05 1.70
N LYS A 265 13.19 -23.99 0.40
CA LYS A 265 13.25 -25.21 -0.40
C LYS A 265 14.36 -26.13 0.10
N GLU A 266 15.46 -25.57 0.59
CA GLU A 266 16.58 -26.35 1.09
C GLU A 266 16.41 -26.72 2.55
N GLY A 267 15.26 -26.43 3.15
CA GLY A 267 14.95 -26.90 4.48
C GLY A 267 15.26 -25.93 5.60
N HIS A 268 15.61 -24.70 5.31
CA HIS A 268 15.89 -23.75 6.38
C HIS A 268 14.60 -23.40 7.11
N ARG A 269 14.68 -23.35 8.44
CA ARG A 269 13.58 -22.89 9.27
C ARG A 269 14.15 -22.01 10.37
N MET A 270 13.29 -21.16 10.93
CA MET A 270 13.72 -20.28 12.01
C MET A 270 14.07 -21.08 13.26
N ASP A 271 15.04 -20.57 14.02
CA ASP A 271 15.51 -21.21 15.22
C ASP A 271 14.52 -21.00 16.36
N LYS A 272 14.71 -21.76 17.43
CA LYS A 272 13.80 -21.71 18.57
C LYS A 272 13.95 -20.39 19.32
N PRO A 273 12.87 -19.68 19.61
CA PRO A 273 12.97 -18.50 20.46
C PRO A 273 13.32 -18.88 21.89
N ALA A 274 13.91 -17.92 22.61
CA ALA A 274 14.38 -18.20 23.97
C ALA A 274 13.20 -18.43 24.92
N ASN A 275 12.14 -17.64 24.79
CA ASN A 275 11.00 -17.72 25.70
C ASN A 275 10.07 -18.87 25.36
N CYS A 276 10.51 -19.82 24.55
CA CYS A 276 9.70 -20.93 24.09
C CYS A 276 10.18 -22.23 24.72
N THR A 277 9.23 -23.13 24.97
CA THR A 277 9.60 -24.49 25.36
C THR A 277 9.92 -25.30 24.11
N ASN A 278 10.61 -26.43 24.31
CA ASN A 278 10.90 -27.32 23.20
C ASN A 278 9.62 -27.83 22.56
N GLU A 279 8.59 -28.08 23.38
CA GLU A 279 7.33 -28.62 22.87
C GLU A 279 6.63 -27.62 21.96
N LEU A 280 6.66 -26.34 22.33
CA LEU A 280 6.03 -25.32 21.50
C LEU A 280 6.81 -25.06 20.23
N TYR A 281 8.14 -25.16 20.30
CA TYR A 281 8.94 -25.02 19.09
C TYR A 281 8.70 -26.18 18.13
N MET A 282 8.56 -27.38 18.67
CA MET A 282 8.26 -28.57 17.85
C MET A 282 6.90 -28.37 17.21
N MET A 283 5.97 -27.68 17.87
CA MET A 283 4.66 -27.39 17.30
C MET A 283 4.85 -26.40 16.14
N MET A 284 5.68 -25.37 16.33
CA MET A 284 6.01 -24.43 15.24
C MET A 284 6.56 -25.19 14.03
N ARG A 285 7.51 -26.10 14.28
CA ARG A 285 8.15 -26.81 13.19
C ARG A 285 7.19 -27.75 12.47
N ASP A 286 6.20 -28.29 13.19
CA ASP A 286 5.17 -29.08 12.52
C ASP A 286 4.30 -28.21 11.62
N CYS A 287 3.95 -27.00 12.10
CA CYS A 287 3.25 -26.06 11.24
C CYS A 287 4.05 -25.74 9.98
N TRP A 288 5.38 -25.88 10.04
CA TRP A 288 6.24 -25.56 8.92
C TRP A 288 6.71 -26.80 8.15
N HIS A 289 5.98 -27.91 8.23
CA HIS A 289 6.33 -29.06 7.41
CA HIS A 289 6.32 -29.06 7.42
C HIS A 289 6.24 -28.71 5.93
N ALA A 290 7.17 -29.24 5.15
CA ALA A 290 7.16 -28.99 3.71
C ALA A 290 5.91 -29.55 3.07
N VAL A 291 5.53 -30.77 3.43
CA VAL A 291 4.31 -31.43 2.93
C VAL A 291 3.11 -30.85 3.66
N PRO A 292 2.18 -30.19 2.97
CA PRO A 292 1.04 -29.60 3.71
C PRO A 292 0.21 -30.62 4.48
N SER A 293 -0.05 -31.78 3.88
CA SER A 293 -0.91 -32.76 4.54
C SER A 293 -0.28 -33.33 5.82
N GLN A 294 1.03 -33.13 6.02
CA GLN A 294 1.68 -33.59 7.24
C GLN A 294 1.70 -32.52 8.34
N ARG A 295 1.25 -31.31 8.04
CA ARG A 295 1.10 -30.29 9.07
C ARG A 295 -0.13 -30.59 9.93
N PRO A 296 -0.17 -30.09 11.16
CA PRO A 296 -1.36 -30.29 11.98
C PRO A 296 -2.52 -29.45 11.48
N THR A 297 -3.72 -29.88 11.84
CA THR A 297 -4.91 -29.07 11.61
C THR A 297 -5.11 -28.13 12.79
N PHE A 298 -5.95 -27.11 12.58
CA PHE A 298 -6.21 -26.16 13.65
C PHE A 298 -6.90 -26.83 14.82
N LYS A 299 -7.68 -27.89 14.58
CA LYS A 299 -8.30 -28.63 15.68
C LYS A 299 -7.24 -29.32 16.54
N GLN A 300 -6.23 -29.94 15.92
CA GLN A 300 -5.17 -30.54 16.71
C GLN A 300 -4.36 -29.48 17.45
N LEU A 301 -4.11 -28.34 16.81
CA LEU A 301 -3.38 -27.26 17.48
C LEU A 301 -4.16 -26.77 18.70
N VAL A 302 -5.48 -26.64 18.56
CA VAL A 302 -6.30 -26.18 19.69
C VAL A 302 -6.23 -27.17 20.84
N GLU A 303 -6.33 -28.47 20.54
CA GLU A 303 -6.27 -29.47 21.59
C GLU A 303 -4.91 -29.45 22.29
N ASP A 304 -3.83 -29.39 21.53
CA ASP A 304 -2.49 -29.38 22.14
C ASP A 304 -2.28 -28.11 22.96
N LEU A 305 -2.68 -26.96 22.42
CA LEU A 305 -2.50 -25.72 23.17
C LEU A 305 -3.37 -25.69 24.42
N ASP A 306 -4.56 -26.29 24.35
CA ASP A 306 -5.41 -26.36 25.54
C ASP A 306 -4.76 -27.22 26.62
N ARG A 307 -4.21 -28.37 26.23
CA ARG A 307 -3.49 -29.22 27.17
C ARG A 307 -2.32 -28.45 27.79
N ILE A 308 -1.51 -27.80 26.95
CA ILE A 308 -0.35 -27.06 27.47
C ILE A 308 -0.80 -25.94 28.40
N LEU A 309 -1.84 -25.19 28.00
CA LEU A 309 -2.29 -24.07 28.83
C LEU A 309 -2.85 -24.55 30.16
N THR A 310 -3.54 -25.70 30.16
CA THR A 310 -4.08 -26.22 31.40
C THR A 310 -2.97 -26.69 32.33
N LEU A 311 -1.97 -27.39 31.78
CA LEU A 311 -0.84 -27.84 32.59
C LEU A 311 -0.10 -26.67 33.21
N THR A 312 0.03 -25.56 32.47
CA THR A 312 0.70 -24.38 32.99
C THR A 312 0.03 -23.84 34.25
N THR A 313 -1.24 -24.17 34.46
CA THR A 313 -1.95 -23.82 35.70
C THR A 313 -1.56 -24.79 36.80
N LEU B 16 17.38 -12.76 -11.84
CA LEU B 16 17.60 -11.43 -12.41
C LEU B 16 18.79 -11.43 -13.36
N PRO B 17 18.54 -11.34 -14.67
CA PRO B 17 19.67 -11.35 -15.62
C PRO B 17 20.65 -10.23 -15.31
N GLU B 18 21.92 -10.50 -15.61
CA GLU B 18 22.97 -9.53 -15.31
C GLU B 18 22.91 -8.35 -16.29
N ASP B 19 23.05 -7.15 -15.75
CA ASP B 19 23.09 -5.91 -16.52
C ASP B 19 24.32 -5.14 -16.07
N PRO B 20 25.51 -5.50 -16.58
CA PRO B 20 26.74 -4.92 -16.02
C PRO B 20 26.81 -3.40 -16.12
N LYS B 21 26.23 -2.81 -17.16
CA LYS B 21 26.31 -1.35 -17.30
C LYS B 21 25.65 -0.65 -16.12
N TRP B 22 24.58 -1.22 -15.57
CA TRP B 22 23.84 -0.61 -14.48
C TRP B 22 24.24 -1.13 -13.10
N GLU B 23 24.95 -2.26 -13.03
CA GLU B 23 25.21 -2.89 -11.76
C GLU B 23 26.22 -2.09 -10.94
N PHE B 24 25.98 -2.00 -9.64
CA PHE B 24 26.82 -1.25 -8.72
C PHE B 24 27.31 -2.13 -7.59
N PRO B 25 28.56 -1.98 -7.16
CA PRO B 25 29.06 -2.83 -6.06
C PRO B 25 28.35 -2.56 -4.74
N ARG B 26 27.99 -3.66 -4.06
CA ARG B 26 27.28 -3.53 -2.79
C ARG B 26 28.18 -2.98 -1.69
N ASP B 27 29.46 -3.32 -1.71
CA ASP B 27 30.37 -2.84 -0.66
C ASP B 27 30.61 -1.34 -0.77
N LYS B 28 30.37 -0.74 -1.93
CA LYS B 28 30.57 0.69 -2.14
C LYS B 28 29.36 1.51 -1.72
N LEU B 29 28.32 0.88 -1.17
CA LEU B 29 27.07 1.55 -0.83
C LEU B 29 26.88 1.48 0.69
N THR B 30 26.58 2.63 1.29
CA THR B 30 26.35 2.73 2.73
C THR B 30 24.96 3.31 2.97
N LEU B 31 24.06 2.48 3.46
CA LEU B 31 22.68 2.92 3.68
C LEU B 31 22.61 3.79 4.92
N GLY B 32 21.70 4.78 4.88
CA GLY B 32 21.60 5.78 5.93
C GLY B 32 20.16 6.01 6.35
N LYS B 33 19.84 7.29 6.57
CA LYS B 33 18.55 7.65 7.15
C LYS B 33 17.42 7.23 6.21
N PRO B 34 16.27 6.80 6.75
CA PRO B 34 15.11 6.55 5.89
C PRO B 34 14.52 7.85 5.38
N LEU B 35 14.02 7.79 4.15
CA LEU B 35 13.35 8.92 3.52
C LEU B 35 11.84 8.74 3.40
N GLY B 36 11.37 7.51 3.22
CA GLY B 36 9.94 7.26 3.11
C GLY B 36 9.64 5.79 3.29
N GLU B 37 8.49 5.52 3.91
CA GLU B 37 8.09 4.15 4.21
C GLU B 37 7.20 3.55 3.15
N GLY B 38 6.53 4.37 2.34
CA GLY B 38 5.77 3.91 1.21
C GLY B 38 4.72 2.83 1.44
N CYS B 39 4.53 1.98 0.44
CA CYS B 39 3.53 0.87 0.51
C CYS B 39 4.13 -0.39 -0.08
N PHE B 40 4.80 -0.30 -1.23
CA PHE B 40 5.40 -1.47 -1.92
C PHE B 40 6.92 -1.48 -1.69
N GLY B 41 7.46 -0.64 -0.82
CA GLY B 41 8.89 -0.67 -0.53
C GLY B 41 9.26 0.45 0.42
N GLN B 42 10.56 0.56 0.67
CA GLN B 42 11.10 1.60 1.52
C GLN B 42 12.24 2.29 0.78
N VAL B 43 12.48 3.55 1.15
CA VAL B 43 13.52 4.38 0.54
C VAL B 43 14.40 4.90 1.66
N VAL B 44 15.72 4.81 1.46
CA VAL B 44 16.70 5.27 2.44
C VAL B 44 17.75 6.11 1.73
N MET B 45 18.21 7.16 2.41
CA MET B 45 19.39 7.90 1.97
C MET B 45 20.61 7.00 2.07
N ALA B 46 21.58 7.24 1.20
CA ALA B 46 22.76 6.40 1.16
C ALA B 46 23.91 7.17 0.53
N GLU B 47 25.13 6.68 0.78
CA GLU B 47 26.35 7.22 0.20
C GLU B 47 26.94 6.17 -0.72
N ALA B 48 27.08 6.51 -1.99
CA ALA B 48 27.59 5.60 -3.01
C ALA B 48 28.91 6.12 -3.53
N VAL B 49 29.97 5.35 -3.33
CA VAL B 49 31.32 5.75 -3.71
C VAL B 49 31.61 5.27 -5.13
N GLY B 50 32.05 6.19 -5.98
CA GLY B 50 32.38 5.83 -7.34
C GLY B 50 31.20 5.67 -8.26
N ILE B 51 29.99 5.98 -7.81
CA ILE B 51 28.82 5.86 -8.67
C ILE B 51 28.98 6.72 -9.92
N ASP B 52 29.58 7.90 -9.76
CA ASP B 52 30.02 8.71 -10.90
C ASP B 52 31.31 8.11 -11.42
N LYS B 53 31.27 7.55 -12.64
CA LYS B 53 32.45 6.91 -13.20
C LYS B 53 33.62 7.87 -13.30
N ASP B 54 33.34 9.16 -13.53
CA ASP B 54 34.40 10.15 -13.65
C ASP B 54 34.99 10.59 -12.32
N LYS B 55 34.39 10.19 -11.20
CA LYS B 55 34.89 10.53 -9.86
C LYS B 55 34.89 9.24 -9.04
N PRO B 56 35.87 8.36 -9.28
CA PRO B 56 35.81 7.01 -8.68
C PRO B 56 35.79 7.00 -7.17
N LYS B 57 36.48 7.93 -6.51
CA LYS B 57 36.59 7.91 -5.06
C LYS B 57 35.62 8.86 -4.37
N GLU B 58 34.74 9.50 -5.12
CA GLU B 58 33.79 10.44 -4.56
C GLU B 58 32.59 9.72 -3.95
N ALA B 59 32.21 10.12 -2.74
CA ALA B 59 31.02 9.60 -2.08
C ALA B 59 29.86 10.53 -2.42
N VAL B 60 28.89 10.02 -3.19
CA VAL B 60 27.73 10.80 -3.62
C VAL B 60 26.53 10.40 -2.78
N THR B 61 25.83 11.38 -2.24
CA THR B 61 24.58 11.10 -1.54
C THR B 61 23.50 10.74 -2.55
N VAL B 62 22.80 9.62 -2.30
CA VAL B 62 21.80 9.10 -3.21
C VAL B 62 20.63 8.56 -2.41
N ALA B 63 19.58 8.15 -3.11
CA ALA B 63 18.44 7.46 -2.54
C ALA B 63 18.40 6.03 -3.04
N VAL B 64 17.99 5.10 -2.19
CA VAL B 64 17.93 3.68 -2.51
C VAL B 64 16.53 3.18 -2.15
N LYS B 65 15.82 2.63 -3.14
CA LYS B 65 14.54 1.99 -2.91
C LYS B 65 14.74 0.48 -2.88
N MET B 66 14.10 -0.17 -1.91
CA MET B 66 14.24 -1.59 -1.68
C MET B 66 12.92 -2.14 -1.16
N LEU B 67 12.89 -3.44 -0.91
CA LEU B 67 11.69 -4.07 -0.38
C LEU B 67 11.60 -3.94 1.13
N LYS B 68 10.38 -3.92 1.64
CA LYS B 68 10.14 -3.99 3.07
C LYS B 68 10.17 -5.45 3.53
N ASP B 69 10.16 -5.64 4.84
CA ASP B 69 10.23 -6.98 5.39
C ASP B 69 8.96 -7.77 5.16
N ASP B 70 7.82 -7.09 4.98
CA ASP B 70 6.54 -7.73 4.71
C ASP B 70 6.18 -7.68 3.23
N ALA B 71 7.18 -7.61 2.36
CA ALA B 71 6.92 -7.47 0.93
C ALA B 71 6.24 -8.71 0.37
N THR B 72 5.51 -8.50 -0.72
CA THR B 72 4.84 -9.55 -1.47
C THR B 72 5.57 -9.80 -2.78
N GLU B 73 5.13 -10.84 -3.50
CA GLU B 73 5.68 -11.08 -4.83
C GLU B 73 5.36 -9.92 -5.77
N LYS B 74 4.15 -9.36 -5.67
CA LYS B 74 3.80 -8.23 -6.50
C LYS B 74 4.68 -7.02 -6.20
N ASP B 75 5.09 -6.85 -4.94
CA ASP B 75 5.93 -5.71 -4.58
C ASP B 75 7.30 -5.81 -5.24
N LEU B 76 7.86 -7.01 -5.32
CA LEU B 76 9.14 -7.16 -6.01
C LEU B 76 8.96 -6.99 -7.52
N SER B 77 7.89 -7.53 -8.09
CA SER B 77 7.62 -7.34 -9.51
C SER B 77 7.48 -5.87 -9.86
N ASP B 78 6.83 -5.08 -8.99
CA ASP B 78 6.65 -3.66 -9.24
C ASP B 78 7.96 -2.90 -9.12
N LEU B 79 8.85 -3.33 -8.23
CA LEU B 79 10.15 -2.68 -8.09
C LEU B 79 11.03 -2.95 -9.30
N VAL B 80 11.05 -4.20 -9.77
CA VAL B 80 11.82 -4.54 -10.96
C VAL B 80 11.28 -3.78 -12.17
N SER B 81 9.95 -3.74 -12.31
CA SER B 81 9.36 -3.05 -13.45
C SER B 81 9.68 -1.56 -13.43
N GLU B 82 9.59 -0.93 -12.24
CA GLU B 82 9.95 0.47 -12.13
C GLU B 82 11.41 0.70 -12.53
N MET B 83 12.29 -0.22 -12.13
CA MET B 83 13.70 -0.09 -12.49
C MET B 83 13.89 -0.22 -13.99
N GLU B 84 13.20 -1.18 -14.62
CA GLU B 84 13.34 -1.36 -16.06
C GLU B 84 12.78 -0.17 -16.82
N MET B 85 11.67 0.39 -16.35
CA MET B 85 11.11 1.57 -17.01
C MET B 85 12.09 2.72 -16.99
N MET B 86 12.75 2.93 -15.85
CA MET B 86 13.69 4.04 -15.74
C MET B 86 14.90 3.84 -16.65
N LYS B 87 15.35 2.59 -16.82
CA LYS B 87 16.40 2.31 -17.78
C LYS B 87 15.95 2.69 -19.19
N MET B 88 14.68 2.41 -19.52
CA MET B 88 14.17 2.68 -20.85
C MET B 88 13.96 4.17 -21.11
N ILE B 89 13.59 4.93 -20.07
CA ILE B 89 13.16 6.31 -20.27
C ILE B 89 14.29 7.15 -20.85
N GLY B 90 15.50 7.01 -20.33
CA GLY B 90 16.58 7.88 -20.71
C GLY B 90 16.71 9.07 -19.77
N LYS B 91 17.66 9.93 -20.08
CA LYS B 91 18.00 11.05 -19.21
C LYS B 91 17.23 12.30 -19.59
N HIS B 92 16.69 12.99 -18.60
CA HIS B 92 16.06 14.28 -18.80
C HIS B 92 16.12 15.10 -17.52
N LYS B 93 16.16 16.42 -17.69
CA LYS B 93 16.32 17.31 -16.54
C LYS B 93 15.21 17.15 -15.52
N ASN B 94 13.99 16.87 -15.99
CA ASN B 94 12.80 16.87 -15.15
C ASN B 94 12.31 15.46 -14.84
N ILE B 95 13.21 14.49 -14.88
CA ILE B 95 12.91 13.12 -14.50
C ILE B 95 13.96 12.66 -13.51
N ILE B 96 13.53 11.99 -12.44
CA ILE B 96 14.48 11.48 -11.46
C ILE B 96 15.41 10.49 -12.15
N ASN B 97 16.71 10.65 -11.90
CA ASN B 97 17.73 9.97 -12.69
C ASN B 97 18.13 8.67 -11.99
N LEU B 98 18.04 7.57 -12.73
CA LEU B 98 18.54 6.29 -12.25
C LEU B 98 20.06 6.27 -12.25
N LEU B 99 20.66 5.97 -11.10
CA LEU B 99 22.11 5.96 -10.96
C LEU B 99 22.71 4.55 -11.02
N GLY B 100 22.00 3.54 -10.53
CA GLY B 100 22.51 2.19 -10.55
C GLY B 100 21.59 1.26 -9.79
N ALA B 101 22.01 0.00 -9.73
CA ALA B 101 21.21 -1.03 -9.09
C ALA B 101 22.10 -2.16 -8.59
N CYS B 102 21.78 -2.67 -7.41
CA CYS B 102 22.35 -3.90 -6.89
C CYS B 102 21.31 -5.00 -7.08
N THR B 103 21.60 -5.94 -7.98
CA THR B 103 20.63 -6.96 -8.36
C THR B 103 21.16 -8.39 -8.26
N GLN B 104 22.41 -8.57 -7.83
CA GLN B 104 23.03 -9.89 -7.79
C GLN B 104 23.42 -10.22 -6.36
N ASP B 105 23.07 -11.42 -5.91
CA ASP B 105 23.49 -11.97 -4.63
C ASP B 105 23.15 -11.01 -3.47
N GLY B 106 21.86 -10.74 -3.32
CA GLY B 106 21.40 -9.90 -2.25
C GLY B 106 20.07 -9.23 -2.54
N PRO B 107 19.58 -8.43 -1.60
CA PRO B 107 18.33 -7.72 -1.83
C PRO B 107 18.47 -6.73 -2.98
N LEU B 108 17.38 -6.56 -3.73
CA LEU B 108 17.37 -5.65 -4.86
C LEU B 108 17.40 -4.21 -4.35
N TYR B 109 18.43 -3.46 -4.74
CA TYR B 109 18.54 -2.05 -4.44
C TYR B 109 18.45 -1.25 -5.74
N VAL B 110 17.56 -0.26 -5.78
CA VAL B 110 17.46 0.66 -6.90
C VAL B 110 18.00 2.01 -6.43
N ILE B 111 19.12 2.43 -6.99
CA ILE B 111 19.84 3.63 -6.55
C ILE B 111 19.49 4.77 -7.49
N VAL B 112 19.02 5.88 -6.94
CA VAL B 112 18.55 7.00 -7.75
C VAL B 112 19.09 8.31 -7.19
N GLU B 113 18.94 9.36 -8.01
CA GLU B 113 19.34 10.70 -7.61
C GLU B 113 18.59 11.16 -6.37
N TYR B 114 19.32 11.83 -5.47
CA TYR B 114 18.75 12.30 -4.22
C TYR B 114 18.25 13.74 -4.38
N ALA B 115 16.95 13.94 -4.14
CA ALA B 115 16.32 15.25 -4.22
C ALA B 115 16.14 15.79 -2.80
N SER B 116 16.96 16.78 -2.44
CA SER B 116 17.08 17.18 -1.04
C SER B 116 15.81 17.81 -0.47
N LYS B 117 14.89 18.32 -1.29
CA LYS B 117 13.71 19.01 -0.80
C LYS B 117 12.45 18.12 -0.80
N GLY B 118 12.60 16.83 -1.10
CA GLY B 118 11.47 15.93 -0.92
C GLY B 118 10.40 16.10 -1.99
N ASN B 119 9.24 15.52 -1.70
CA ASN B 119 8.17 15.49 -2.69
C ASN B 119 7.45 16.82 -2.75
N LEU B 120 6.79 17.05 -3.89
CA LEU B 120 6.27 18.37 -4.22
C LEU B 120 5.13 18.78 -3.32
N ARG B 121 4.28 17.82 -2.93
CA ARG B 121 3.10 18.15 -2.12
C ARG B 121 3.52 18.77 -0.79
N GLU B 122 4.48 18.14 -0.09
CA GLU B 122 4.95 18.69 1.18
C GLU B 122 5.73 19.97 0.95
N TYR B 123 6.52 20.03 -0.13
CA TYR B 123 7.24 21.25 -0.47
C TYR B 123 6.30 22.44 -0.53
N LEU B 124 5.16 22.29 -1.22
CA LEU B 124 4.23 23.39 -1.37
C LEU B 124 3.50 23.69 -0.06
N ARG B 125 3.07 22.65 0.66
CA ARG B 125 2.35 22.86 1.90
C ARG B 125 3.21 23.60 2.92
N ALA B 126 4.52 23.33 2.93
CA ALA B 126 5.41 23.99 3.88
C ALA B 126 5.70 25.43 3.48
N ARG B 127 5.56 25.77 2.20
CA ARG B 127 5.80 27.12 1.72
C ARG B 127 4.49 27.90 1.53
N ARG B 128 3.44 27.51 2.25
CA ARG B 128 2.20 28.26 2.22
C ARG B 128 2.35 29.55 3.00
N PRO B 129 1.55 30.57 2.67
CA PRO B 129 1.61 31.82 3.44
C PRO B 129 1.12 31.62 4.86
N PRO B 130 1.67 32.38 5.82
CA PRO B 130 1.20 32.27 7.22
C PRO B 130 -0.30 32.54 7.35
N GLU B 143 10.08 27.95 4.67
CA GLU B 143 9.16 29.08 4.80
C GLU B 143 9.21 30.03 3.61
N GLU B 144 10.13 29.81 2.69
CA GLU B 144 10.26 30.64 1.49
C GLU B 144 8.85 30.46 0.92
N GLN B 145 8.15 31.57 0.71
CA GLN B 145 6.77 31.54 0.26
C GLN B 145 6.90 31.36 -1.25
N MET B 146 5.90 30.72 -1.85
CA MET B 146 5.90 30.50 -3.29
C MET B 146 5.36 31.73 -4.00
N THR B 147 6.07 32.19 -5.02
CA THR B 147 5.57 33.25 -5.88
C THR B 147 4.74 32.66 -7.01
N PHE B 148 3.93 33.52 -7.65
CA PHE B 148 3.19 33.08 -8.82
C PHE B 148 4.12 32.57 -9.90
N LYS B 149 5.22 33.28 -10.16
CA LYS B 149 6.20 32.82 -11.13
C LYS B 149 6.75 31.46 -10.75
N ASP B 150 7.01 31.24 -9.45
CA ASP B 150 7.52 29.95 -9.00
C ASP B 150 6.56 28.82 -9.38
N LEU B 151 5.25 29.05 -9.18
CA LEU B 151 4.28 28.01 -9.47
C LEU B 151 4.18 27.74 -10.98
N VAL B 152 4.21 28.80 -11.79
CA VAL B 152 4.19 28.61 -13.24
C VAL B 152 5.45 27.88 -13.71
N SER B 153 6.59 28.23 -13.14
CA SER B 153 7.83 27.55 -13.51
C SER B 153 7.76 26.06 -13.17
N CYS B 154 7.24 25.73 -11.99
CA CYS B 154 7.09 24.33 -11.60
C CYS B 154 6.18 23.60 -12.57
N THR B 155 5.05 24.21 -12.93
CA THR B 155 4.15 23.60 -13.90
C THR B 155 4.83 23.44 -15.25
N TYR B 156 5.55 24.46 -15.71
CA TYR B 156 6.25 24.36 -16.99
C TYR B 156 7.27 23.23 -16.98
N GLN B 157 8.02 23.11 -15.88
CA GLN B 157 9.01 22.05 -15.79
C GLN B 157 8.38 20.67 -15.90
N LEU B 158 7.26 20.46 -15.22
CA LEU B 158 6.63 19.14 -15.23
C LEU B 158 5.95 18.87 -16.57
N ALA B 159 5.50 19.92 -17.28
CA ALA B 159 4.99 19.73 -18.63
C ALA B 159 6.12 19.33 -19.57
N ARG B 160 7.31 19.93 -19.39
CA ARG B 160 8.46 19.52 -20.19
C ARG B 160 8.83 18.07 -19.91
N GLY B 161 8.77 17.65 -18.64
CA GLY B 161 9.08 16.27 -18.31
C GLY B 161 8.11 15.29 -18.93
N MET B 162 6.83 15.62 -18.90
CA MET B 162 5.84 14.73 -19.51
C MET B 162 5.94 14.74 -21.02
N GLU B 163 6.24 15.90 -21.62
CA GLU B 163 6.42 15.94 -23.06
C GLU B 163 7.56 15.02 -23.48
N TYR B 164 8.61 14.95 -22.67
CA TYR B 164 9.71 14.04 -22.99
C TYR B 164 9.28 12.59 -22.80
N LEU B 165 8.56 12.30 -21.71
CA LEU B 165 8.10 10.94 -21.47
C LEU B 165 7.23 10.44 -22.64
N ALA B 166 6.28 11.28 -23.07
CA ALA B 166 5.42 10.89 -24.19
C ALA B 166 6.22 10.71 -25.46
N SER B 167 7.26 11.54 -25.67
CA SER B 167 8.14 11.37 -26.82
C SER B 167 8.81 10.00 -26.80
N GLN B 168 9.00 9.42 -25.61
CA GLN B 168 9.59 8.10 -25.47
C GLN B 168 8.55 6.97 -25.44
N LYS B 169 7.32 7.26 -25.88
CA LYS B 169 6.25 6.26 -25.92
C LYS B 169 6.02 5.62 -24.55
N CYS B 170 6.10 6.45 -23.51
CA CYS B 170 5.83 6.00 -22.15
C CYS B 170 4.63 6.76 -21.59
N ILE B 171 3.74 6.04 -20.92
CA ILE B 171 2.62 6.62 -20.19
C ILE B 171 2.89 6.44 -18.70
N HIS B 172 2.77 7.52 -17.94
CA HIS B 172 3.14 7.48 -16.53
C HIS B 172 2.05 6.82 -15.68
N ARG B 173 0.81 7.28 -15.82
CA ARG B 173 -0.40 6.73 -15.24
C ARG B 173 -0.58 7.07 -13.76
N ASP B 174 0.40 7.67 -13.10
CA ASP B 174 0.30 8.01 -11.69
C ASP B 174 0.80 9.42 -11.44
N LEU B 175 0.41 10.35 -12.30
CA LEU B 175 0.89 11.72 -12.19
C LEU B 175 0.18 12.41 -11.04
N ALA B 176 0.96 12.97 -10.12
CA ALA B 176 0.42 13.58 -8.91
C ALA B 176 1.57 14.22 -8.15
N ALA B 177 1.23 15.27 -7.39
CA ALA B 177 2.27 16.02 -6.66
C ALA B 177 3.07 15.11 -5.73
N ARG B 178 2.43 14.11 -5.12
CA ARG B 178 3.13 13.21 -4.22
C ARG B 178 4.19 12.41 -4.95
N ASN B 179 4.12 12.33 -6.28
CA ASN B 179 5.08 11.57 -7.07
C ASN B 179 6.10 12.47 -7.77
N VAL B 180 6.21 13.73 -7.36
CA VAL B 180 7.19 14.66 -7.92
C VAL B 180 8.16 15.03 -6.81
N LEU B 181 9.44 15.08 -7.15
CA LEU B 181 10.50 15.42 -6.21
C LEU B 181 11.09 16.78 -6.57
N VAL B 182 11.64 17.47 -5.57
CA VAL B 182 12.22 18.79 -5.73
C VAL B 182 13.67 18.74 -5.26
N THR B 183 14.59 19.16 -6.13
CA THR B 183 16.01 19.09 -5.81
C THR B 183 16.44 20.32 -5.02
N GLU B 184 17.74 20.41 -4.75
CA GLU B 184 18.28 21.53 -3.98
C GLU B 184 18.01 22.86 -4.67
N ASN B 185 18.06 22.87 -6.00
CA ASN B 185 17.89 24.09 -6.78
C ASN B 185 16.48 24.23 -7.35
N ASN B 186 15.50 23.57 -6.72
CA ASN B 186 14.09 23.69 -7.12
C ASN B 186 13.86 23.21 -8.54
N VAL B 187 14.57 22.15 -8.94
CA VAL B 187 14.31 21.46 -10.19
C VAL B 187 13.28 20.37 -9.92
N MET B 188 12.21 20.34 -10.72
CA MET B 188 11.15 19.35 -10.54
C MET B 188 11.52 18.05 -11.24
N LYS B 189 11.34 16.92 -10.54
CA LYS B 189 11.71 15.61 -11.05
C LYS B 189 10.51 14.68 -10.94
N ILE B 190 10.06 14.15 -12.08
CA ILE B 190 9.02 13.13 -12.07
C ILE B 190 9.62 11.82 -11.57
N ALA B 191 8.93 11.16 -10.66
CA ALA B 191 9.40 9.91 -10.07
C ALA B 191 8.23 8.94 -9.96
N ASP B 192 8.44 7.86 -9.21
CA ASP B 192 7.42 6.83 -9.01
C ASP B 192 6.87 6.23 -10.31
N PHE B 193 7.78 5.58 -11.03
CA PHE B 193 7.44 4.89 -12.27
C PHE B 193 6.93 3.47 -12.08
N GLY B 194 6.41 3.14 -10.90
CA GLY B 194 5.95 1.80 -10.65
C GLY B 194 4.78 1.39 -11.53
N LEU B 195 3.90 2.33 -11.84
CA LEU B 195 2.76 2.08 -12.71
C LEU B 195 3.00 2.48 -14.16
N ALA B 196 4.16 3.05 -14.48
CA ALA B 196 4.43 3.50 -15.84
C ALA B 196 4.60 2.28 -16.75
N ARG B 197 4.16 2.45 -18.00
CA ARG B 197 4.19 1.38 -18.98
C ARG B 197 4.62 1.93 -20.34
N ASP B 198 5.19 1.06 -21.15
CA ASP B 198 5.35 1.37 -22.57
C ASP B 198 3.97 1.44 -23.21
N ILE B 199 3.81 2.36 -24.16
CA ILE B 199 2.50 2.61 -24.76
C ILE B 199 1.84 1.31 -25.23
N ASN B 200 2.63 0.34 -25.64
CA ASN B 200 2.09 -0.91 -26.16
C ASN B 200 1.89 -1.98 -25.09
N ASN B 201 2.35 -1.75 -23.87
CA ASN B 201 2.20 -2.70 -22.77
C ASN B 201 0.97 -2.39 -21.93
N ILE B 202 -0.19 -2.33 -22.58
CA ILE B 202 -1.47 -2.09 -21.93
C ILE B 202 -2.50 -2.99 -22.60
N ASP B 203 -3.33 -3.65 -21.79
CA ASP B 203 -4.39 -4.53 -22.31
C ASP B 203 -5.67 -3.71 -22.48
N TYR B 204 -5.91 -3.23 -23.69
CA TYR B 204 -7.12 -2.47 -23.93
C TYR B 204 -8.35 -3.33 -23.71
N TYR B 205 -9.38 -2.74 -23.08
CA TYR B 205 -10.71 -3.29 -22.94
C TYR B 205 -10.82 -4.37 -21.88
N LYS B 206 -9.71 -4.78 -21.25
CA LYS B 206 -9.77 -5.77 -20.18
C LYS B 206 -10.31 -5.14 -18.90
N LYS B 207 -11.21 -5.85 -18.24
CA LYS B 207 -11.91 -5.31 -17.08
C LYS B 207 -10.96 -5.04 -15.90
N THR B 208 -9.78 -5.64 -15.90
CA THR B 208 -8.80 -5.41 -14.84
C THR B 208 -7.85 -4.24 -15.13
N THR B 209 -7.89 -3.68 -16.33
CA THR B 209 -6.92 -2.65 -16.70
C THR B 209 -7.20 -1.35 -15.96
N ASN B 210 -6.12 -0.69 -15.53
CA ASN B 210 -6.16 0.61 -14.87
C ASN B 210 -6.82 0.55 -13.49
N GLY B 211 -6.95 -0.65 -12.92
CA GLY B 211 -7.59 -0.79 -11.63
C GLY B 211 -6.78 -0.31 -10.45
N ARG B 212 -5.48 -0.11 -10.64
CA ARG B 212 -4.60 0.35 -9.55
C ARG B 212 -4.25 1.84 -9.67
N LEU B 213 -5.03 2.61 -10.43
CA LEU B 213 -4.72 4.05 -10.55
C LEU B 213 -5.59 4.85 -9.61
N PRO B 214 -5.01 5.79 -8.84
CA PRO B 214 -5.84 6.62 -7.96
C PRO B 214 -6.93 7.36 -8.73
N VAL B 215 -8.16 7.31 -8.21
CA VAL B 215 -9.32 7.72 -8.98
C VAL B 215 -9.38 9.23 -9.15
N LYS B 216 -9.01 9.99 -8.13
CA LYS B 216 -9.16 11.44 -8.21
C LYS B 216 -8.19 12.07 -9.18
N TRP B 217 -7.24 11.30 -9.72
CA TRP B 217 -6.29 11.80 -10.72
C TRP B 217 -6.51 11.16 -12.09
N MET B 218 -7.45 10.23 -12.21
CA MET B 218 -7.56 9.37 -13.38
C MET B 218 -8.47 9.98 -14.44
N ALA B 219 -8.10 9.83 -15.70
CA ALA B 219 -8.99 10.16 -16.79
C ALA B 219 -10.15 9.18 -16.82
N PRO B 220 -11.38 9.65 -17.05
CA PRO B 220 -12.52 8.71 -17.03
C PRO B 220 -12.42 7.57 -18.03
N GLU B 221 -11.94 7.84 -19.25
CA GLU B 221 -11.84 6.77 -20.25
C GLU B 221 -10.98 5.62 -19.75
N ALA B 222 -10.16 5.85 -18.72
CA ALA B 222 -9.31 4.77 -18.22
C ALA B 222 -10.13 3.67 -17.55
N LEU B 223 -11.29 4.01 -17.00
CA LEU B 223 -12.18 3.03 -16.38
C LEU B 223 -13.37 2.66 -17.26
N PHE B 224 -14.01 3.63 -17.91
CA PHE B 224 -15.16 3.33 -18.75
C PHE B 224 -14.75 2.46 -19.93
N ASP B 225 -13.65 2.82 -20.61
CA ASP B 225 -13.22 2.13 -21.81
C ASP B 225 -12.06 1.18 -21.57
N ARG B 226 -11.36 1.30 -20.43
CA ARG B 226 -10.22 0.44 -20.12
C ARG B 226 -9.11 0.61 -21.16
N VAL B 227 -8.75 1.86 -21.42
CA VAL B 227 -7.60 2.19 -22.26
C VAL B 227 -6.78 3.27 -21.55
N TYR B 228 -5.57 3.47 -22.03
CA TYR B 228 -4.73 4.55 -21.51
C TYR B 228 -3.85 5.10 -22.62
N THR B 229 -3.84 6.42 -22.76
CA THR B 229 -3.02 7.10 -23.75
C THR B 229 -2.39 8.34 -23.12
N HIS B 230 -1.64 9.08 -23.93
CA HIS B 230 -1.01 10.31 -23.44
C HIS B 230 -2.03 11.35 -23.04
N GLN B 231 -3.22 11.34 -23.68
CA GLN B 231 -4.26 12.28 -23.30
C GLN B 231 -4.84 11.97 -21.94
N SER B 232 -4.82 10.69 -21.52
CA SER B 232 -5.18 10.38 -20.14
C SER B 232 -4.19 11.00 -19.17
N ASP B 233 -2.90 10.96 -19.51
CA ASP B 233 -1.89 11.63 -18.68
C ASP B 233 -2.15 13.13 -18.63
N VAL B 234 -2.65 13.71 -19.72
CA VAL B 234 -2.94 15.15 -19.73
C VAL B 234 -4.02 15.48 -18.71
N TRP B 235 -5.03 14.62 -18.60
CA TRP B 235 -6.04 14.81 -17.54
C TRP B 235 -5.37 14.85 -16.18
N SER B 236 -4.53 13.85 -15.89
CA SER B 236 -3.83 13.81 -14.61
C SER B 236 -3.01 15.09 -14.42
N PHE B 237 -2.37 15.57 -15.48
CA PHE B 237 -1.53 16.76 -15.36
C PHE B 237 -2.38 17.97 -14.96
N GLY B 238 -3.60 18.05 -15.48
CA GLY B 238 -4.50 19.11 -15.04
C GLY B 238 -4.82 19.03 -13.57
N VAL B 239 -5.05 17.82 -13.06
CA VAL B 239 -5.24 17.64 -11.63
C VAL B 239 -3.98 18.04 -10.86
N LEU B 240 -2.81 17.70 -11.42
CA LEU B 240 -1.56 18.11 -10.79
C LEU B 240 -1.42 19.64 -10.79
N MET B 241 -1.83 20.30 -11.89
CA MET B 241 -1.80 21.76 -11.91
C MET B 241 -2.67 22.33 -10.80
N TRP B 242 -3.86 21.77 -10.60
CA TRP B 242 -4.72 22.23 -9.52
C TRP B 242 -4.07 22.02 -8.17
N GLU B 243 -3.40 20.88 -7.99
CA GLU B 243 -2.64 20.65 -6.77
C GLU B 243 -1.57 21.73 -6.58
N ILE B 244 -0.92 22.15 -7.66
CA ILE B 244 0.20 23.08 -7.54
C ILE B 244 -0.29 24.47 -7.16
N PHE B 245 -1.39 24.93 -7.73
CA PHE B 245 -1.86 26.29 -7.51
C PHE B 245 -2.73 26.42 -6.27
N THR B 246 -3.13 25.31 -5.65
CA THR B 246 -3.67 25.32 -4.30
C THR B 246 -2.57 25.10 -3.26
N LEU B 247 -1.31 25.04 -3.69
CA LEU B 247 -0.17 24.83 -2.79
C LEU B 247 -0.33 23.55 -1.99
N GLY B 248 -0.74 22.48 -2.67
CA GLY B 248 -0.86 21.18 -2.05
C GLY B 248 -2.23 20.75 -1.60
N GLY B 249 -3.28 21.38 -2.11
CA GLY B 249 -4.62 20.98 -1.74
C GLY B 249 -4.96 19.58 -2.21
N SER B 250 -5.98 19.00 -1.59
CA SER B 250 -6.46 17.68 -1.97
C SER B 250 -7.57 17.82 -3.01
N PRO B 251 -7.49 17.11 -4.13
CA PRO B 251 -8.47 17.31 -5.19
C PRO B 251 -9.87 16.87 -4.78
N TYR B 252 -10.86 17.52 -5.40
CA TYR B 252 -12.28 17.26 -5.13
C TYR B 252 -12.55 17.22 -3.62
N PRO B 253 -12.29 18.32 -2.90
CA PRO B 253 -12.49 18.30 -1.45
C PRO B 253 -13.93 18.05 -1.09
N GLY B 254 -14.14 17.18 -0.10
CA GLY B 254 -15.47 16.84 0.36
C GLY B 254 -16.24 15.91 -0.54
N ILE B 255 -15.64 15.45 -1.63
CA ILE B 255 -16.28 14.51 -2.56
C ILE B 255 -15.61 13.15 -2.36
N PRO B 256 -16.34 12.14 -1.90
CA PRO B 256 -15.74 10.80 -1.79
C PRO B 256 -15.53 10.14 -3.15
N VAL B 257 -14.52 9.28 -3.20
CA VAL B 257 -14.15 8.65 -4.47
C VAL B 257 -15.32 7.90 -5.07
N GLU B 258 -16.15 7.28 -4.22
CA GLU B 258 -17.24 6.46 -4.74
C GLU B 258 -18.22 7.25 -5.58
N GLU B 259 -18.32 8.56 -5.37
CA GLU B 259 -19.28 9.38 -6.08
C GLU B 259 -18.65 10.36 -7.06
N LEU B 260 -17.33 10.26 -7.30
CA LEU B 260 -16.66 11.23 -8.15
C LEU B 260 -17.11 11.08 -9.61
N PHE B 261 -17.10 9.86 -10.12
CA PHE B 261 -17.30 9.67 -11.56
C PHE B 261 -18.71 10.03 -11.98
N LYS B 262 -19.70 9.79 -11.12
CA LYS B 262 -21.05 10.26 -11.40
C LYS B 262 -21.05 11.78 -11.57
N LEU B 263 -20.38 12.49 -10.67
CA LEU B 263 -20.30 13.94 -10.78
C LEU B 263 -19.51 14.36 -12.02
N LEU B 264 -18.49 13.59 -12.39
CA LEU B 264 -17.73 13.91 -13.60
C LEU B 264 -18.58 13.73 -14.85
N LYS B 265 -19.54 12.78 -14.82
CA LYS B 265 -20.44 12.61 -15.96
C LYS B 265 -21.38 13.80 -16.08
N GLU B 266 -21.87 14.33 -14.95
CA GLU B 266 -22.76 15.49 -14.98
C GLU B 266 -22.02 16.79 -15.27
N GLY B 267 -20.70 16.74 -15.48
CA GLY B 267 -19.94 17.91 -15.86
C GLY B 267 -19.24 18.62 -14.73
N HIS B 268 -19.27 18.09 -13.51
CA HIS B 268 -18.60 18.75 -12.40
C HIS B 268 -17.09 18.78 -12.61
N ARG B 269 -16.47 19.91 -12.26
CA ARG B 269 -15.03 20.05 -12.28
C ARG B 269 -14.63 20.91 -11.09
N MET B 270 -13.38 20.76 -10.66
CA MET B 270 -12.91 21.51 -9.50
C MET B 270 -12.95 23.01 -9.79
N ASP B 271 -13.20 23.78 -8.74
CA ASP B 271 -13.25 25.23 -8.87
C ASP B 271 -11.86 25.79 -9.12
N LYS B 272 -11.81 27.08 -9.41
CA LYS B 272 -10.54 27.73 -9.72
C LYS B 272 -9.78 28.02 -8.43
N PRO B 273 -8.51 27.62 -8.33
CA PRO B 273 -7.72 28.00 -7.15
C PRO B 273 -7.57 29.51 -7.05
N ALA B 274 -7.35 29.99 -5.83
CA ALA B 274 -7.28 31.43 -5.59
C ALA B 274 -6.08 32.04 -6.30
N ASN B 275 -4.90 31.44 -6.15
CA ASN B 275 -3.67 32.00 -6.72
C ASN B 275 -3.58 31.84 -8.23
N CYS B 276 -4.63 31.41 -8.90
CA CYS B 276 -4.60 31.07 -10.32
C CYS B 276 -5.22 32.17 -11.15
N THR B 277 -4.67 32.39 -12.33
CA THR B 277 -5.27 33.31 -13.29
C THR B 277 -6.32 32.57 -14.12
N ASN B 278 -7.21 33.33 -14.73
CA ASN B 278 -8.24 32.74 -15.58
C ASN B 278 -7.62 31.95 -16.72
N GLU B 279 -6.47 32.39 -17.24
CA GLU B 279 -5.83 31.68 -18.33
C GLU B 279 -5.40 30.28 -17.88
N LEU B 280 -4.78 30.18 -16.71
CA LEU B 280 -4.29 28.89 -16.23
C LEU B 280 -5.43 27.98 -15.81
N TYR B 281 -6.51 28.53 -15.25
CA TYR B 281 -7.67 27.70 -14.94
C TYR B 281 -8.31 27.16 -16.21
N MET B 282 -8.44 27.99 -17.24
CA MET B 282 -8.97 27.52 -18.52
C MET B 282 -8.11 26.40 -19.08
N MET B 283 -6.79 26.46 -18.84
CA MET B 283 -5.90 25.38 -19.25
C MET B 283 -6.17 24.10 -18.45
N MET B 284 -6.42 24.24 -17.14
CA MET B 284 -6.82 23.08 -16.34
C MET B 284 -8.10 22.46 -16.90
N ARG B 285 -9.11 23.29 -17.18
CA ARG B 285 -10.40 22.78 -17.63
C ARG B 285 -10.26 22.11 -18.98
N ASP B 286 -9.40 22.63 -19.85
CA ASP B 286 -9.15 21.97 -21.14
C ASP B 286 -8.49 20.63 -20.93
N CYS B 287 -7.58 20.52 -19.96
CA CYS B 287 -7.01 19.22 -19.61
C CYS B 287 -8.10 18.24 -19.19
N TRP B 288 -9.21 18.73 -18.65
CA TRP B 288 -10.28 17.89 -18.15
C TRP B 288 -11.46 17.78 -19.12
N HIS B 289 -11.20 17.86 -20.42
CA HIS B 289 -12.25 17.61 -21.39
C HIS B 289 -12.65 16.14 -21.33
N ALA B 290 -13.96 15.90 -21.50
CA ALA B 290 -14.44 14.52 -21.50
C ALA B 290 -13.88 13.75 -22.70
N VAL B 291 -13.71 14.40 -23.84
CA VAL B 291 -13.18 13.79 -25.04
C VAL B 291 -11.66 13.88 -24.99
N PRO B 292 -10.94 12.77 -24.99
CA PRO B 292 -9.46 12.86 -24.92
C PRO B 292 -8.86 13.67 -26.04
N SER B 293 -9.44 13.60 -27.24
CA SER B 293 -8.86 14.29 -28.40
C SER B 293 -9.04 15.79 -28.31
N GLN B 294 -9.97 16.28 -27.48
CA GLN B 294 -10.17 17.70 -27.28
C GLN B 294 -9.27 18.28 -26.20
N ARG B 295 -8.53 17.45 -25.47
CA ARG B 295 -7.55 17.95 -24.52
C ARG B 295 -6.29 18.38 -25.24
N PRO B 296 -5.52 19.30 -24.66
CA PRO B 296 -4.25 19.67 -25.27
C PRO B 296 -3.24 18.53 -25.17
N THR B 297 -2.25 18.58 -26.07
CA THR B 297 -1.10 17.71 -25.94
C THR B 297 -0.08 18.35 -24.98
N PHE B 298 0.90 17.55 -24.56
CA PHE B 298 1.92 18.10 -23.68
C PHE B 298 2.77 19.14 -24.39
N LYS B 299 2.95 19.01 -25.71
CA LYS B 299 3.69 20.03 -26.45
C LYS B 299 2.95 21.37 -26.41
N GLN B 300 1.63 21.34 -26.54
CA GLN B 300 0.86 22.58 -26.48
C GLN B 300 0.91 23.18 -25.08
N LEU B 301 0.80 22.34 -24.05
CA LEU B 301 0.91 22.84 -22.68
C LEU B 301 2.27 23.50 -22.45
N VAL B 302 3.34 22.89 -22.97
CA VAL B 302 4.67 23.42 -22.78
C VAL B 302 4.80 24.79 -23.45
N GLU B 303 4.27 24.92 -24.66
CA GLU B 303 4.36 26.20 -25.37
C GLU B 303 3.55 27.28 -24.67
N ASP B 304 2.34 26.95 -24.20
CA ASP B 304 1.53 27.93 -23.49
C ASP B 304 2.17 28.34 -22.18
N LEU B 305 2.68 27.36 -21.41
CA LEU B 305 3.31 27.68 -20.13
C LEU B 305 4.58 28.49 -20.32
N ASP B 306 5.38 28.17 -21.35
CA ASP B 306 6.55 28.97 -21.65
C ASP B 306 6.18 30.43 -21.91
N ARG B 307 5.10 30.65 -22.66
CA ARG B 307 4.64 32.01 -22.93
C ARG B 307 4.22 32.69 -21.65
N ILE B 308 3.43 31.99 -20.82
CA ILE B 308 2.94 32.58 -19.58
C ILE B 308 4.10 32.87 -18.64
N LEU B 309 5.05 31.94 -18.54
CA LEU B 309 6.21 32.15 -17.68
C LEU B 309 7.05 33.32 -18.16
N THR B 310 7.27 33.43 -19.47
CA THR B 310 8.10 34.50 -20.00
C THR B 310 7.44 35.86 -19.82
N LEU B 311 6.15 35.96 -20.13
CA LEU B 311 5.47 37.26 -19.98
C LEU B 311 5.35 37.66 -18.51
N THR B 312 5.31 36.69 -17.60
CA THR B 312 5.31 37.00 -16.17
C THR B 312 6.65 37.61 -15.77
N THR B 313 7.76 36.94 -16.09
CA THR B 313 9.07 37.42 -15.66
C THR B 313 9.39 38.80 -16.23
N ASN B 314 8.75 39.14 -17.35
CA ASN B 314 8.95 40.44 -18.03
C ASN B 314 7.82 41.42 -17.69
N GLU B 315 6.77 40.98 -16.98
CA GLU B 315 5.64 41.83 -16.60
C GLU B 315 4.99 42.48 -17.81
#